data_7W5V
#
_entry.id   7W5V
#
_cell.length_a   52.424
_cell.length_b   72.397
_cell.length_c   81.368
_cell.angle_alpha   90.000
_cell.angle_beta   90.000
_cell.angle_gamma   90.000
#
_symmetry.space_group_name_H-M   'P 21 21 21'
#
loop_
_entity.id
_entity.type
_entity.pdbx_description
1 polymer 'nonheme iron and alpha-ketoglutarate dependent halogenase'
2 non-polymer 'PHOSPHATE ION'
3 non-polymer 'FE (III) ION'
4 non-polymer 'TRIETHYLENE GLYCOL'
5 non-polymer 'CHLORIDE ION'
6 non-polymer 'SULFATE ION'
7 non-polymer DI(HYDROXYETHYL)ETHER
8 water water
#
_entity_poly.entity_id   1
_entity_poly.type   'polypeptide(L)'
_entity_poly.pdbx_seq_one_letter_code
;AGAGAGAGAGMDVPLMELSGRAPVVRLHDIEADMAAATDAIRSQLTGWGFMAAEVPGIGERVEAMMNEFAAACRATGPSL
SDYAYDVVPQLAVGGTHGFFPYNSEIPRLANGVPDPKEFIHVSGAMIGDQPPGAGDVLRAFPAFGTRAAEVFDIAFRLIS
LFGEVVRGMMPPGTPELDLSHDATNLRVIHYRDVGDREVLAHEHSGIQMLGLQLPPSDQGLQYVLHDGTWVEPVIAGTDV
VLCNIGRMLTSASDGRFRPSTHRVHTKPMPAGYERLSSVLFAYPQHKARQWKMVDGELMSLNATWGDFIDSRFQGLGKQS
;
_entity_poly.pdbx_strand_id   A
#
loop_
_chem_comp.id
_chem_comp.type
_chem_comp.name
_chem_comp.formula
CL non-polymer 'CHLORIDE ION' 'Cl -1'
FE non-polymer 'FE (III) ION' 'Fe 3'
PEG non-polymer DI(HYDROXYETHYL)ETHER 'C4 H10 O3'
PGE non-polymer 'TRIETHYLENE GLYCOL' 'C6 H14 O4'
PO4 non-polymer 'PHOSPHATE ION' 'O4 P -3'
SO4 non-polymer 'SULFATE ION' 'O4 S -2'
#
# COMPACT_ATOMS: atom_id res chain seq x y z
N MET A 11 23.97 -12.57 8.66
CA MET A 11 22.47 -12.51 8.74
C MET A 11 21.86 -13.51 7.73
N ASP A 12 20.71 -14.07 8.04
CA ASP A 12 20.01 -14.98 7.10
C ASP A 12 19.48 -14.23 5.87
N VAL A 13 19.09 -12.96 6.01
CA VAL A 13 18.41 -12.17 4.94
C VAL A 13 19.35 -11.11 4.40
N PRO A 14 19.80 -11.16 3.15
CA PRO A 14 20.70 -10.10 2.69
C PRO A 14 19.95 -8.81 2.41
N LEU A 15 20.62 -7.68 2.58
CA LEU A 15 20.06 -6.36 2.17
C LEU A 15 20.09 -6.27 0.63
N MET A 16 19.14 -5.56 0.06
CA MET A 16 19.00 -5.34 -1.39
C MET A 16 19.04 -3.84 -1.66
N GLU A 17 20.18 -3.35 -2.15
CA GLU A 17 20.32 -1.92 -2.53
C GLU A 17 19.50 -1.63 -3.79
N LEU A 18 18.73 -0.55 -3.78
CA LEU A 18 17.87 -0.19 -4.93
C LEU A 18 18.21 1.24 -5.36
N SER A 19 18.45 2.14 -4.39
CA SER A 19 19.02 3.51 -4.57
C SER A 19 20.17 3.44 -5.56
N GLY A 20 20.12 4.26 -6.62
CA GLY A 20 21.07 4.17 -7.75
C GLY A 20 20.83 2.95 -8.62
N ARG A 21 19.84 2.11 -8.34
CA ARG A 21 19.72 0.84 -9.11
C ARG A 21 18.32 0.57 -9.67
N ALA A 22 17.28 1.30 -9.26
CA ALA A 22 15.88 1.29 -9.77
C ALA A 22 15.72 2.50 -10.67
N PRO A 23 14.81 2.53 -11.66
CA PRO A 23 14.71 3.67 -12.57
C PRO A 23 14.23 4.94 -11.86
N VAL A 24 14.76 6.06 -12.33
CA VAL A 24 14.48 7.37 -11.67
C VAL A 24 13.22 7.92 -12.34
N VAL A 25 12.24 8.26 -11.53
CA VAL A 25 10.91 8.77 -12.01
C VAL A 25 10.63 10.08 -11.29
N ARG A 26 10.67 11.20 -12.02
CA ARG A 26 10.54 12.55 -11.40
C ARG A 26 9.07 12.91 -11.10
N LEU A 27 8.75 13.43 -9.91
CA LEU A 27 7.34 13.71 -9.50
C LEU A 27 6.68 14.70 -10.46
N HIS A 28 7.45 15.61 -11.03
CA HIS A 28 6.95 16.61 -12.00
C HIS A 28 7.01 16.07 -13.42
N ASP A 29 7.46 14.84 -13.65
CA ASP A 29 7.65 14.34 -15.03
C ASP A 29 7.23 12.86 -15.14
N ILE A 30 6.18 12.52 -14.41
CA ILE A 30 5.84 11.11 -14.08
C ILE A 30 5.48 10.27 -15.32
N GLU A 31 4.71 10.80 -16.26
CA GLU A 31 4.24 10.03 -17.46
C GLU A 31 5.44 9.64 -18.34
N ALA A 32 6.28 10.60 -18.73
CA ALA A 32 7.40 10.37 -19.65
C ALA A 32 8.43 9.50 -18.94
N ASP A 33 8.69 9.74 -17.65
CA ASP A 33 9.72 8.96 -16.94
C ASP A 33 9.22 7.52 -16.75
N MET A 34 7.94 7.34 -16.48
CA MET A 34 7.47 5.95 -16.34
C MET A 34 7.52 5.22 -17.69
N ALA A 35 7.16 5.86 -18.79
CA ALA A 35 7.36 5.28 -20.15
C ALA A 35 8.80 4.84 -20.35
N ALA A 36 9.78 5.68 -20.01
CA ALA A 36 11.20 5.39 -20.17
C ALA A 36 11.58 4.24 -19.23
N ALA A 37 10.91 4.13 -18.08
CA ALA A 37 11.26 3.14 -17.04
C ALA A 37 10.66 1.75 -17.35
N THR A 38 9.78 1.64 -18.33
CA THR A 38 8.93 0.46 -18.53
C THR A 38 9.80 -0.79 -18.66
N ASP A 39 10.79 -0.79 -19.54
CA ASP A 39 11.63 -1.99 -19.79
C ASP A 39 12.30 -2.47 -18.48
N ALA A 40 12.79 -1.56 -17.64
CA ALA A 40 13.47 -1.92 -16.38
C ALA A 40 12.44 -2.48 -15.40
N ILE A 41 11.26 -1.88 -15.35
CA ILE A 41 10.19 -2.28 -14.40
C ILE A 41 9.70 -3.65 -14.79
N ARG A 42 9.49 -3.93 -16.08
CA ARG A 42 9.16 -5.28 -16.58
C ARG A 42 10.23 -6.26 -16.13
N SER A 43 11.52 -5.92 -16.24
CA SER A 43 12.62 -6.82 -15.82
C SER A 43 12.54 -7.11 -14.34
N GLN A 44 12.11 -6.13 -13.54
CA GLN A 44 12.00 -6.38 -12.08
C GLN A 44 10.88 -7.36 -11.81
N LEU A 45 9.74 -7.19 -12.45
CA LEU A 45 8.56 -8.05 -12.15
C LEU A 45 8.88 -9.50 -12.57
N THR A 46 9.54 -9.62 -13.69
CA THR A 46 10.04 -10.90 -14.22
C THR A 46 11.15 -11.49 -13.35
N GLY A 47 12.16 -10.70 -12.98
CA GLY A 47 13.37 -11.19 -12.31
C GLY A 47 13.18 -11.37 -10.82
N TRP A 48 12.34 -10.54 -10.17
CA TRP A 48 12.20 -10.44 -8.68
C TRP A 48 10.81 -10.89 -8.19
N GLY A 49 9.71 -10.35 -8.74
CA GLY A 49 8.35 -10.61 -8.25
C GLY A 49 7.72 -9.35 -7.64
N PHE A 50 8.47 -8.25 -7.59
CA PHE A 50 7.99 -6.93 -7.18
C PHE A 50 8.76 -5.88 -7.99
N MET A 51 8.33 -4.64 -7.92
CA MET A 51 8.87 -3.58 -8.77
C MET A 51 9.33 -2.41 -7.91
N ALA A 52 10.22 -1.56 -8.42
CA ALA A 52 10.78 -0.42 -7.66
C ALA A 52 11.16 0.76 -8.58
N ALA A 53 10.92 1.98 -8.13
CA ALA A 53 11.39 3.22 -8.79
C ALA A 53 11.91 4.17 -7.73
N GLU A 54 12.89 4.98 -8.11
CA GLU A 54 13.40 6.03 -7.22
C GLU A 54 12.73 7.32 -7.66
N VAL A 55 12.03 7.95 -6.73
CA VAL A 55 11.18 9.13 -7.02
C VAL A 55 11.72 10.29 -6.19
N PRO A 56 12.68 11.07 -6.76
CA PRO A 56 13.38 12.08 -5.96
C PRO A 56 12.39 13.01 -5.24
N GLY A 57 12.62 13.18 -3.94
CA GLY A 57 11.86 14.07 -3.05
C GLY A 57 10.69 13.37 -2.40
N ILE A 58 10.33 12.17 -2.84
CA ILE A 58 9.09 11.56 -2.26
C ILE A 58 9.33 11.26 -0.77
N GLY A 59 10.56 10.91 -0.42
CA GLY A 59 10.93 10.46 0.92
C GLY A 59 10.54 11.53 1.88
N GLU A 60 10.96 12.75 1.63
CA GLU A 60 10.71 13.86 2.59
C GLU A 60 9.21 14.20 2.67
N ARG A 61 8.51 14.05 1.57
CA ARG A 61 7.04 14.31 1.58
C ARG A 61 6.39 13.27 2.48
N VAL A 62 6.81 12.02 2.36
CA VAL A 62 6.20 10.88 3.13
C VAL A 62 6.61 11.00 4.59
N GLU A 63 7.90 11.24 4.86
CA GLU A 63 8.39 11.47 6.24
C GLU A 63 7.50 12.54 6.93
N ALA A 64 7.28 13.70 6.35
CA ALA A 64 6.52 14.81 6.98
C ALA A 64 5.10 14.30 7.25
N MET A 65 4.51 13.65 6.26
CA MET A 65 3.15 13.11 6.39
C MET A 65 3.11 12.15 7.57
N MET A 66 4.02 11.19 7.64
CA MET A 66 3.95 10.19 8.74
C MET A 66 4.23 10.86 10.10
N ASN A 67 5.09 11.87 10.13
CA ASN A 67 5.39 12.59 11.41
C ASN A 67 4.11 13.26 11.90
N GLU A 68 3.29 13.78 11.00
CA GLU A 68 2.01 14.46 11.39
C GLU A 68 1.02 13.39 11.84
N PHE A 69 1.10 12.20 11.26
CA PHE A 69 0.26 11.07 11.73
C PHE A 69 0.68 10.66 13.15
N ALA A 70 1.99 10.51 13.43
CA ALA A 70 2.50 10.20 14.79
C ALA A 70 1.98 11.24 15.80
N ALA A 71 1.99 12.51 15.44
CA ALA A 71 1.59 13.59 16.36
C ALA A 71 0.08 13.50 16.55
N ALA A 72 -0.68 13.18 15.53
CA ALA A 72 -2.14 12.99 15.65
C ALA A 72 -2.41 11.79 16.56
N CYS A 73 -1.58 10.75 16.50
CA CYS A 73 -1.78 9.56 17.37
C CYS A 73 -1.60 9.96 18.84
N ARG A 74 -0.82 11.00 19.14
CA ARG A 74 -0.42 11.40 20.51
C ARG A 74 -1.38 12.48 20.99
N ALA A 75 -2.22 13.01 20.11
CA ALA A 75 -2.93 14.29 20.36
C ALA A 75 -3.95 14.10 21.48
N THR A 76 -4.12 15.13 22.33
CA THR A 76 -5.10 15.13 23.46
C THR A 76 -6.25 16.09 23.18
N GLY A 77 -6.62 16.29 21.92
CA GLY A 77 -7.74 17.16 21.54
C GLY A 77 -7.32 18.06 20.39
N PRO A 78 -7.87 17.88 19.18
CA PRO A 78 -8.74 16.74 18.86
C PRO A 78 -8.00 15.40 19.09
N SER A 79 -8.79 14.30 19.14
CA SER A 79 -8.35 12.93 19.45
C SER A 79 -8.60 12.00 18.24
N LEU A 80 -7.60 11.29 17.69
CA LEU A 80 -7.81 10.33 16.54
C LEU A 80 -8.91 9.31 16.88
N SER A 81 -9.03 8.97 18.17
CA SER A 81 -9.99 7.95 18.69
C SER A 81 -11.43 8.36 18.33
N ASP A 82 -11.70 9.66 18.21
CA ASP A 82 -13.04 10.18 17.83
C ASP A 82 -13.32 9.89 16.35
N TYR A 83 -12.35 9.35 15.61
CA TYR A 83 -12.50 9.06 14.17
C TYR A 83 -12.19 7.61 13.89
N ALA A 84 -12.48 6.73 14.84
CA ALA A 84 -12.44 5.27 14.63
C ALA A 84 -13.44 4.89 13.54
N TYR A 85 -13.13 3.84 12.79
CA TYR A 85 -13.90 3.41 11.61
C TYR A 85 -15.37 3.22 11.99
N ASP A 86 -15.61 2.82 13.23
CA ASP A 86 -16.98 2.48 13.70
C ASP A 86 -17.78 3.76 13.98
N VAL A 87 -17.20 4.96 14.00
CA VAL A 87 -18.02 6.20 14.10
C VAL A 87 -17.79 7.10 12.87
N VAL A 88 -17.19 6.60 11.78
CA VAL A 88 -16.93 7.36 10.53
C VAL A 88 -17.94 6.85 9.51
N PRO A 89 -18.68 7.73 8.79
CA PRO A 89 -19.55 7.27 7.73
C PRO A 89 -18.81 6.44 6.67
N GLN A 90 -19.37 5.27 6.38
CA GLN A 90 -18.73 4.29 5.47
C GLN A 90 -19.59 4.26 4.23
N LEU A 91 -18.99 4.04 3.07
CA LEU A 91 -19.69 3.77 1.79
C LEU A 91 -20.55 2.51 1.93
N ALA A 92 -21.74 2.57 1.34
CA ALA A 92 -22.73 1.47 1.23
C ALA A 92 -22.02 0.21 0.70
N VAL A 93 -21.17 0.45 -0.31
CA VAL A 93 -20.40 -0.63 -1.00
C VAL A 93 -18.93 -0.26 -0.95
N GLY A 94 -18.14 -0.87 -0.07
CA GLY A 94 -16.77 -0.35 0.11
C GLY A 94 -16.01 -1.05 1.21
N GLY A 95 -14.72 -0.73 1.31
CA GLY A 95 -13.93 -1.07 2.48
C GLY A 95 -14.33 -0.18 3.62
N THR A 96 -13.48 -0.17 4.63
CA THR A 96 -13.66 0.59 5.86
C THR A 96 -12.53 1.61 5.84
N HIS A 97 -12.85 2.89 5.95
CA HIS A 97 -11.85 3.95 6.06
C HIS A 97 -11.97 4.48 7.50
N GLY A 98 -10.98 5.23 7.94
CA GLY A 98 -10.92 5.77 9.28
C GLY A 98 -9.83 5.12 10.08
N PHE A 99 -9.81 5.46 11.35
CA PHE A 99 -8.73 5.12 12.30
C PHE A 99 -9.04 3.76 12.89
N PHE A 100 -8.02 2.92 13.02
CA PHE A 100 -8.02 1.54 13.53
C PHE A 100 -7.16 1.57 14.77
N PRO A 101 -7.75 1.78 15.96
CA PRO A 101 -7.01 1.90 17.21
C PRO A 101 -6.38 0.54 17.55
N TYR A 102 -5.31 0.60 18.29
CA TYR A 102 -4.71 -0.59 18.92
C TYR A 102 -5.55 -0.89 20.16
N ASN A 103 -6.15 -2.07 20.28
CA ASN A 103 -6.86 -2.52 21.50
C ASN A 103 -5.97 -3.52 22.27
N SER A 104 -5.44 -3.16 23.43
CA SER A 104 -4.48 -4.03 24.16
C SER A 104 -5.20 -5.29 24.70
N GLU A 105 -6.46 -5.13 25.13
CA GLU A 105 -7.23 -6.20 25.82
C GLU A 105 -7.67 -7.28 24.81
N ILE A 106 -8.39 -6.90 23.75
CA ILE A 106 -8.84 -7.83 22.67
C ILE A 106 -8.30 -7.33 21.34
N PRO A 107 -7.05 -7.70 20.99
CA PRO A 107 -6.38 -7.12 19.83
C PRO A 107 -7.01 -7.56 18.51
N ARG A 108 -7.00 -6.67 17.53
CA ARG A 108 -7.25 -6.99 16.10
C ARG A 108 -6.23 -8.05 15.70
N LEU A 109 -6.70 -9.12 15.07
CA LEU A 109 -5.86 -10.24 14.59
C LEU A 109 -5.58 -10.01 13.10
N ALA A 110 -4.32 -10.12 12.69
CA ALA A 110 -3.92 -10.28 11.27
C ALA A 110 -3.82 -11.78 10.99
N ASN A 111 -4.86 -12.39 10.44
CA ASN A 111 -4.90 -13.86 10.19
C ASN A 111 -4.49 -14.62 11.46
N GLY A 112 -5.15 -14.31 12.59
CA GLY A 112 -4.98 -15.08 13.83
C GLY A 112 -3.88 -14.54 14.72
N VAL A 113 -3.06 -13.58 14.25
CA VAL A 113 -1.89 -13.08 15.03
C VAL A 113 -2.19 -11.64 15.47
N PRO A 114 -2.04 -11.29 16.76
CA PRO A 114 -2.23 -9.93 17.24
C PRO A 114 -1.44 -8.93 16.39
N ASP A 115 -2.11 -7.83 16.03
CA ASP A 115 -1.59 -6.83 15.05
C ASP A 115 -0.94 -5.70 15.86
N PRO A 116 0.41 -5.57 15.89
CA PRO A 116 1.06 -4.59 16.78
C PRO A 116 1.12 -3.22 16.10
N LYS A 117 -0.05 -2.64 15.87
CA LYS A 117 -0.08 -1.28 15.28
C LYS A 117 -1.39 -0.57 15.57
N GLU A 118 -1.34 0.75 15.42
CA GLU A 118 -2.56 1.56 15.19
C GLU A 118 -2.34 2.15 13.79
N PHE A 119 -3.40 2.36 13.05
CA PHE A 119 -3.25 2.79 11.65
C PHE A 119 -4.52 3.48 11.21
N ILE A 120 -4.39 4.23 10.11
CA ILE A 120 -5.55 4.91 9.48
C ILE A 120 -5.57 4.46 8.04
N HIS A 121 -6.79 4.31 7.53
CA HIS A 121 -7.11 4.20 6.09
C HIS A 121 -7.71 5.52 5.62
N VAL A 122 -6.97 6.24 4.82
CA VAL A 122 -7.44 7.46 4.09
C VAL A 122 -7.79 6.99 2.68
N SER A 123 -9.07 6.85 2.38
CA SER A 123 -9.59 6.48 1.04
C SER A 123 -9.65 7.74 0.15
N GLY A 124 -9.70 7.55 -1.16
CA GLY A 124 -9.96 8.64 -2.11
C GLY A 124 -11.32 9.24 -1.77
N ALA A 125 -12.27 8.39 -1.37
CA ALA A 125 -13.61 8.88 -0.93
C ALA A 125 -13.49 9.89 0.23
N MET A 126 -12.81 9.53 1.31
CA MET A 126 -12.56 10.37 2.48
C MET A 126 -11.94 11.70 2.09
N ILE A 127 -10.96 11.68 1.16
CA ILE A 127 -10.29 12.94 0.76
C ILE A 127 -11.36 13.88 0.16
N GLY A 128 -12.36 13.30 -0.51
CA GLY A 128 -13.51 14.01 -1.12
C GLY A 128 -14.71 14.18 -0.19
N ASP A 129 -14.54 13.91 1.09
CA ASP A 129 -15.62 13.91 2.13
C ASP A 129 -16.81 13.09 1.67
N GLN A 130 -16.59 11.84 1.25
CA GLN A 130 -17.61 10.89 0.76
C GLN A 130 -17.53 9.62 1.60
N PRO A 131 -18.65 9.11 2.15
CA PRO A 131 -19.91 9.85 2.22
C PRO A 131 -19.73 11.06 3.13
N PRO A 132 -20.65 12.03 3.13
CA PRO A 132 -20.47 13.20 3.98
C PRO A 132 -20.12 12.87 5.43
N GLY A 133 -19.07 13.55 5.95
CA GLY A 133 -18.58 13.31 7.32
C GLY A 133 -17.35 12.42 7.32
N ALA A 134 -17.12 11.65 6.25
CA ALA A 134 -15.91 10.81 6.17
C ALA A 134 -14.66 11.70 6.22
N GLY A 135 -14.73 12.94 5.70
CA GLY A 135 -13.60 13.87 5.64
C GLY A 135 -13.32 14.45 7.04
N ASP A 136 -14.11 14.16 8.07
CA ASP A 136 -14.01 14.94 9.34
C ASP A 136 -12.60 14.79 9.93
N VAL A 137 -12.04 13.59 9.88
CA VAL A 137 -10.68 13.36 10.49
C VAL A 137 -9.69 14.30 9.82
N LEU A 138 -9.84 14.53 8.52
CA LEU A 138 -8.83 15.33 7.75
C LEU A 138 -8.98 16.81 8.09
N ARG A 139 -10.16 17.22 8.59
CA ARG A 139 -10.42 18.59 9.14
C ARG A 139 -9.95 18.69 10.59
N ALA A 140 -10.13 17.64 11.41
CA ALA A 140 -9.68 17.62 12.82
C ALA A 140 -8.15 17.74 12.88
N PHE A 141 -7.42 17.16 11.89
CA PHE A 141 -5.95 17.10 11.86
C PHE A 141 -5.46 17.58 10.52
N PRO A 142 -5.56 18.90 10.27
CA PRO A 142 -5.38 19.44 8.93
C PRO A 142 -3.94 19.30 8.41
N ALA A 143 -2.95 19.40 9.28
CA ALA A 143 -1.53 19.25 8.89
C ALA A 143 -1.34 17.85 8.32
N PHE A 144 -1.83 16.85 9.05
CA PHE A 144 -1.79 15.48 8.51
C PHE A 144 -2.67 15.37 7.26
N GLY A 145 -3.91 15.86 7.34
CA GLY A 145 -4.91 15.69 6.25
C GLY A 145 -4.40 16.24 4.92
N THR A 146 -3.75 17.40 4.91
CA THR A 146 -3.26 18.04 3.67
C THR A 146 -2.12 17.16 3.13
N ARG A 147 -1.26 16.65 4.03
CA ARG A 147 -0.07 15.82 3.64
C ARG A 147 -0.54 14.45 3.18
N ALA A 148 -1.58 13.88 3.81
CA ALA A 148 -2.13 12.58 3.42
C ALA A 148 -2.72 12.68 2.03
N ALA A 149 -3.43 13.75 1.72
CA ALA A 149 -4.00 13.95 0.36
C ALA A 149 -2.88 14.08 -0.66
N GLU A 150 -1.82 14.83 -0.34
CA GLU A 150 -0.69 15.01 -1.27
C GLU A 150 -0.12 13.63 -1.56
N VAL A 151 0.22 12.88 -0.51
CA VAL A 151 0.92 11.56 -0.69
C VAL A 151 -0.03 10.58 -1.43
N PHE A 152 -1.31 10.57 -1.12
CA PHE A 152 -2.30 9.71 -1.79
C PHE A 152 -2.25 9.97 -3.30
N ASP A 153 -2.24 11.26 -3.67
CA ASP A 153 -2.32 11.68 -5.10
C ASP A 153 -1.03 11.32 -5.81
N ILE A 154 0.13 11.50 -5.15
CA ILE A 154 1.42 11.10 -5.76
C ILE A 154 1.42 9.59 -5.92
N ALA A 155 1.08 8.86 -4.85
CA ALA A 155 1.11 7.39 -4.90
C ALA A 155 0.11 6.86 -5.94
N PHE A 156 -1.06 7.48 -6.09
CA PHE A 156 -2.14 7.02 -7.00
C PHE A 156 -1.65 7.20 -8.44
N ARG A 157 -0.96 8.29 -8.70
CA ARG A 157 -0.44 8.57 -10.06
C ARG A 157 0.63 7.53 -10.39
N LEU A 158 1.58 7.29 -9.47
CA LEU A 158 2.64 6.28 -9.63
C LEU A 158 2.00 4.90 -9.83
N ILE A 159 1.10 4.50 -8.97
CA ILE A 159 0.61 3.09 -9.02
C ILE A 159 -0.19 2.82 -10.30
N SER A 160 -0.93 3.82 -10.77
CA SER A 160 -1.73 3.75 -12.01
C SER A 160 -0.77 3.48 -13.17
N LEU A 161 0.42 4.09 -13.15
CA LEU A 161 1.38 3.85 -14.24
C LEU A 161 2.14 2.55 -14.04
N PHE A 162 2.43 2.08 -12.81
CA PHE A 162 2.88 0.69 -12.62
C PHE A 162 1.84 -0.28 -13.19
N GLY A 163 0.56 0.00 -12.98
CA GLY A 163 -0.53 -0.82 -13.53
C GLY A 163 -0.46 -0.91 -15.03
N GLU A 164 -0.11 0.19 -15.71
CA GLU A 164 0.04 0.20 -17.17
C GLU A 164 1.23 -0.69 -17.56
N VAL A 165 2.36 -0.65 -16.85
CA VAL A 165 3.49 -1.55 -17.19
C VAL A 165 2.99 -3.01 -17.14
N VAL A 166 2.38 -3.36 -16.03
CA VAL A 166 1.93 -4.78 -15.84
C VAL A 166 0.97 -5.13 -16.98
N ARG A 167 -0.01 -4.29 -17.25
CA ARG A 167 -0.97 -4.53 -18.36
C ARG A 167 -0.17 -4.75 -19.64
N GLY A 168 0.88 -3.98 -19.88
CA GLY A 168 1.64 -4.10 -21.15
C GLY A 168 2.31 -5.45 -21.28
N MET A 169 2.51 -6.16 -20.18
CA MET A 169 3.17 -7.49 -20.16
C MET A 169 2.14 -8.57 -20.41
N MET A 170 0.88 -8.22 -20.43
CA MET A 170 -0.22 -9.21 -20.48
C MET A 170 -0.71 -9.29 -21.93
N PRO A 171 -1.63 -10.21 -22.29
CA PRO A 171 -2.00 -10.38 -23.70
C PRO A 171 -2.63 -9.13 -24.27
N PRO A 172 -2.66 -8.92 -25.60
CA PRO A 172 -3.35 -7.76 -26.17
C PRO A 172 -4.81 -8.05 -25.84
N GLY A 173 -5.59 -7.02 -25.70
CA GLY A 173 -6.96 -7.23 -25.24
C GLY A 173 -7.03 -7.04 -23.74
N THR A 174 -5.91 -7.07 -23.02
CA THR A 174 -5.97 -6.83 -21.57
C THR A 174 -6.58 -5.44 -21.33
N PRO A 175 -7.67 -5.32 -20.57
CA PRO A 175 -8.25 -4.01 -20.39
C PRO A 175 -7.38 -3.15 -19.47
N GLU A 176 -7.67 -1.87 -19.48
CA GLU A 176 -7.24 -0.95 -18.40
C GLU A 176 -7.61 -1.56 -17.06
N LEU A 177 -6.74 -1.38 -16.05
CA LEU A 177 -6.98 -1.91 -14.70
C LEU A 177 -8.12 -1.11 -14.09
N ASP A 178 -8.31 0.14 -14.53
CA ASP A 178 -9.46 0.94 -14.05
C ASP A 178 -9.45 1.02 -12.53
N LEU A 179 -8.29 1.36 -11.99
CA LEU A 179 -8.15 1.58 -10.53
C LEU A 179 -9.12 2.69 -10.10
N SER A 180 -9.81 2.48 -8.98
CA SER A 180 -10.82 3.41 -8.43
C SER A 180 -10.14 4.36 -7.46
N HIS A 181 -10.12 5.66 -7.78
CA HIS A 181 -9.69 6.66 -6.78
C HIS A 181 -10.44 6.44 -5.44
N ASP A 182 -11.77 6.36 -5.43
CA ASP A 182 -12.56 6.35 -4.17
C ASP A 182 -12.31 5.05 -3.39
N ALA A 183 -12.10 3.93 -4.08
CA ALA A 183 -11.93 2.60 -3.46
C ALA A 183 -10.50 2.44 -2.96
N THR A 184 -9.57 3.22 -3.47
CA THR A 184 -8.14 3.05 -3.11
C THR A 184 -7.85 3.75 -1.76
N ASN A 185 -7.00 3.13 -0.94
CA ASN A 185 -6.78 3.56 0.45
C ASN A 185 -5.29 3.79 0.63
N LEU A 186 -4.96 4.86 1.32
CA LEU A 186 -3.60 5.07 1.85
C LEU A 186 -3.62 4.59 3.30
N ARG A 187 -2.82 3.56 3.63
CA ARG A 187 -2.71 3.09 5.00
C ARG A 187 -1.49 3.79 5.58
N VAL A 188 -1.67 4.41 6.73
CA VAL A 188 -0.54 5.02 7.47
C VAL A 188 -0.49 4.35 8.84
N ILE A 189 0.67 3.82 9.14
CA ILE A 189 0.89 2.83 10.22
C ILE A 189 1.81 3.44 11.28
N HIS A 190 1.45 3.26 12.52
CA HIS A 190 2.32 3.53 13.68
C HIS A 190 2.39 2.22 14.45
N TYR A 191 3.52 1.51 14.32
CA TYR A 191 3.68 0.22 15.03
C TYR A 191 3.79 0.58 16.50
N ARG A 192 3.12 -0.21 17.36
CA ARG A 192 3.23 0.05 18.82
C ARG A 192 2.99 -1.26 19.57
N ASP A 193 3.33 -1.24 20.84
CA ASP A 193 3.16 -2.41 21.75
C ASP A 193 3.87 -3.63 21.11
N VAL A 194 5.13 -3.39 20.72
CA VAL A 194 5.96 -4.39 19.99
C VAL A 194 6.55 -5.37 21.00
N GLY A 195 6.90 -4.87 22.19
CA GLY A 195 7.63 -5.61 23.21
C GLY A 195 8.78 -6.42 22.63
N ASP A 196 8.80 -7.73 22.82
CA ASP A 196 9.95 -8.59 22.43
C ASP A 196 9.78 -9.12 21.00
N ARG A 197 8.77 -8.66 20.27
CA ARG A 197 8.47 -9.20 18.91
C ARG A 197 9.61 -8.95 17.95
N GLU A 198 10.00 -9.94 17.14
CA GLU A 198 10.89 -9.59 16.00
C GLU A 198 10.03 -9.52 14.74
N VAL A 199 8.80 -10.04 14.75
CA VAL A 199 7.92 -10.01 13.55
C VAL A 199 6.81 -8.98 13.80
N LEU A 200 6.74 -7.95 12.98
CA LEU A 200 5.59 -7.00 13.01
C LEU A 200 4.48 -7.51 12.10
N ALA A 201 4.81 -8.20 11.00
CA ALA A 201 3.83 -8.68 10.01
C ALA A 201 4.39 -9.92 9.37
N HIS A 202 3.68 -11.04 9.55
CA HIS A 202 4.11 -12.35 9.02
C HIS A 202 3.85 -12.32 7.51
N GLU A 203 4.40 -13.28 6.80
CA GLU A 203 4.44 -13.18 5.32
C GLU A 203 2.99 -13.11 4.87
N HIS A 204 2.72 -12.22 3.93
CA HIS A 204 1.36 -12.06 3.37
C HIS A 204 1.46 -11.37 2.02
N SER A 205 0.32 -11.20 1.38
CA SER A 205 0.21 -10.33 0.18
C SER A 205 -1.10 -9.57 0.31
N GLY A 206 -1.24 -8.47 -0.41
CA GLY A 206 -2.50 -7.70 -0.43
C GLY A 206 -3.53 -8.42 -1.28
N ILE A 207 -4.78 -8.26 -0.92
CA ILE A 207 -5.96 -8.82 -1.64
C ILE A 207 -6.22 -7.99 -2.89
N GLN A 208 -5.70 -6.73 -2.95
CA GLN A 208 -6.15 -5.72 -3.93
C GLN A 208 -5.39 -5.93 -5.27
N MET A 209 -5.49 -4.99 -6.20
CA MET A 209 -4.83 -5.08 -7.51
C MET A 209 -3.31 -4.85 -7.34
N LEU A 210 -2.97 -3.70 -6.74
CA LEU A 210 -1.57 -3.24 -6.58
C LEU A 210 -1.42 -2.61 -5.21
N GLY A 211 -0.24 -2.72 -4.61
CA GLY A 211 0.17 -1.89 -3.48
C GLY A 211 1.39 -1.04 -3.81
N LEU A 212 1.48 0.13 -3.22
CA LEU A 212 2.70 0.95 -3.39
C LEU A 212 3.30 1.26 -2.02
N GLN A 213 4.38 0.60 -1.70
CA GLN A 213 5.10 0.84 -0.42
C GLN A 213 5.87 2.15 -0.48
N LEU A 214 5.49 3.13 0.34
CA LEU A 214 6.26 4.39 0.40
C LEU A 214 7.40 4.21 1.39
N PRO A 215 8.49 4.98 1.27
CA PRO A 215 9.69 4.75 2.10
C PRO A 215 9.32 4.85 3.58
N PRO A 216 9.58 3.77 4.34
CA PRO A 216 9.25 3.73 5.77
C PRO A 216 10.29 4.41 6.65
N SER A 217 9.97 4.63 7.92
CA SER A 217 10.94 5.25 8.87
C SER A 217 12.13 4.27 9.08
N ASP A 218 11.91 2.98 9.06
CA ASP A 218 12.89 1.96 9.50
C ASP A 218 13.00 0.81 8.51
N GLN A 219 14.13 0.11 8.55
CA GLN A 219 14.34 -1.14 7.77
C GLN A 219 13.47 -2.24 8.37
N GLY A 220 13.28 -3.34 7.65
CA GLY A 220 12.55 -4.50 8.18
C GLY A 220 11.59 -5.12 7.21
N LEU A 221 10.98 -4.35 6.32
CA LEU A 221 10.13 -4.91 5.27
C LEU A 221 11.00 -5.81 4.40
N GLN A 222 10.54 -7.00 4.15
CA GLN A 222 11.30 -8.04 3.39
C GLN A 222 10.38 -8.60 2.31
N TYR A 223 10.97 -9.04 1.20
CA TYR A 223 10.26 -9.67 0.08
C TYR A 223 10.92 -11.02 -0.23
N VAL A 224 10.08 -11.94 -0.69
CA VAL A 224 10.58 -13.22 -1.25
C VAL A 224 10.73 -13.11 -2.76
N LEU A 225 11.86 -13.63 -3.27
CA LEU A 225 12.15 -13.70 -4.73
C LEU A 225 11.49 -14.96 -5.28
N HIS A 226 11.46 -15.12 -6.60
CA HIS A 226 10.82 -16.29 -7.25
C HIS A 226 11.42 -17.59 -6.75
N ASP A 227 12.72 -17.57 -6.39
CA ASP A 227 13.42 -18.80 -5.95
C ASP A 227 13.20 -19.06 -4.46
N GLY A 228 12.34 -18.27 -3.77
CA GLY A 228 12.08 -18.45 -2.34
C GLY A 228 13.15 -17.80 -1.46
N THR A 229 14.10 -17.04 -2.02
CA THR A 229 15.08 -16.24 -1.23
C THR A 229 14.42 -14.97 -0.69
N TRP A 230 14.46 -14.79 0.63
CA TRP A 230 14.01 -13.57 1.32
C TRP A 230 15.14 -12.54 1.27
N VAL A 231 14.81 -11.32 0.90
CA VAL A 231 15.76 -10.18 0.81
C VAL A 231 15.13 -9.02 1.55
N GLU A 232 15.94 -8.02 1.87
CA GLU A 232 15.48 -6.83 2.63
C GLU A 232 15.85 -5.59 1.83
N PRO A 233 14.90 -5.05 1.02
CA PRO A 233 15.15 -3.80 0.31
C PRO A 233 15.66 -2.72 1.25
N VAL A 234 16.69 -1.97 0.80
CA VAL A 234 17.15 -0.78 1.55
C VAL A 234 16.24 0.35 1.10
N ILE A 235 15.27 0.74 1.93
CA ILE A 235 14.24 1.77 1.58
C ILE A 235 14.10 2.85 2.67
N ALA A 236 14.46 2.57 3.91
CA ALA A 236 14.25 3.57 4.99
C ALA A 236 15.17 4.77 4.70
N GLY A 237 14.68 6.02 4.77
CA GLY A 237 15.47 7.20 4.43
C GLY A 237 15.76 7.36 2.96
N THR A 238 15.08 6.61 2.09
CA THR A 238 15.33 6.72 0.64
C THR A 238 14.13 7.38 -0.03
N ASP A 239 14.27 7.60 -1.35
CA ASP A 239 13.20 8.00 -2.26
C ASP A 239 12.67 6.82 -3.06
N VAL A 240 12.94 5.60 -2.57
CA VAL A 240 12.55 4.37 -3.33
C VAL A 240 11.14 3.94 -2.93
N VAL A 241 10.29 3.80 -3.92
CA VAL A 241 8.95 3.14 -3.73
C VAL A 241 9.03 1.71 -4.26
N LEU A 242 8.17 0.85 -3.71
CA LEU A 242 8.10 -0.56 -4.15
C LEU A 242 6.67 -0.76 -4.60
N CYS A 243 6.50 -1.45 -5.71
CA CYS A 243 5.14 -1.74 -6.20
C CYS A 243 4.88 -3.24 -6.06
N ASN A 244 3.78 -3.59 -5.43
CA ASN A 244 3.43 -4.99 -5.08
C ASN A 244 2.28 -5.47 -5.96
N ILE A 245 2.41 -6.68 -6.48
CA ILE A 245 1.27 -7.41 -7.13
C ILE A 245 0.36 -7.86 -5.99
N GLY A 246 -0.91 -7.53 -6.08
CA GLY A 246 -1.93 -8.08 -5.18
C GLY A 246 -2.68 -9.24 -5.81
N ARG A 247 -3.48 -9.90 -5.00
CA ARG A 247 -4.14 -11.15 -5.39
C ARG A 247 -5.21 -10.91 -6.45
N MET A 248 -5.82 -9.73 -6.54
CA MET A 248 -6.70 -9.41 -7.69
C MET A 248 -5.94 -9.47 -9.00
N LEU A 249 -4.69 -8.97 -9.09
CA LEU A 249 -3.95 -9.00 -10.34
C LEU A 249 -3.36 -10.40 -10.61
N THR A 250 -3.07 -11.16 -9.58
CA THR A 250 -2.75 -12.60 -9.75
C THR A 250 -3.98 -13.22 -10.42
N SER A 251 -5.17 -12.94 -9.91
CA SER A 251 -6.38 -13.56 -10.48
C SER A 251 -6.60 -13.03 -11.91
N ALA A 252 -6.53 -11.71 -12.15
CA ALA A 252 -6.79 -11.11 -13.49
C ALA A 252 -5.78 -11.65 -14.51
N SER A 253 -4.60 -12.06 -14.07
CA SER A 253 -3.49 -12.55 -14.94
C SER A 253 -3.46 -14.07 -15.01
N ASP A 254 -4.48 -14.73 -14.47
CA ASP A 254 -4.64 -16.20 -14.46
C ASP A 254 -3.41 -16.82 -13.79
N GLY A 255 -2.87 -16.19 -12.74
CA GLY A 255 -1.74 -16.70 -11.95
C GLY A 255 -0.37 -16.45 -12.56
N ARG A 256 -0.30 -15.75 -13.67
CA ARG A 256 1.00 -15.41 -14.32
C ARG A 256 1.88 -14.64 -13.32
N PHE A 257 1.31 -13.65 -12.65
CA PHE A 257 2.07 -12.81 -11.71
C PHE A 257 1.65 -13.20 -10.30
N ARG A 258 2.52 -13.90 -9.59
CA ARG A 258 2.28 -14.25 -8.18
C ARG A 258 2.16 -12.95 -7.38
N PRO A 259 1.42 -12.99 -6.27
CA PRO A 259 1.39 -11.85 -5.34
C PRO A 259 2.78 -11.55 -4.81
N SER A 260 3.10 -10.27 -4.60
CA SER A 260 4.46 -9.86 -4.11
C SER A 260 4.52 -10.10 -2.59
N THR A 261 4.53 -11.38 -2.20
CA THR A 261 4.52 -11.81 -0.79
C THR A 261 5.65 -11.11 -0.06
N HIS A 262 5.35 -10.49 1.09
CA HIS A 262 6.35 -9.78 1.90
C HIS A 262 5.99 -9.93 3.37
N ARG A 263 6.85 -9.41 4.21
CA ARG A 263 6.74 -9.52 5.69
C ARG A 263 7.48 -8.35 6.29
N VAL A 264 7.27 -8.07 7.56
CA VAL A 264 7.96 -6.97 8.25
C VAL A 264 8.55 -7.51 9.54
N HIS A 265 9.85 -7.44 9.58
CA HIS A 265 10.65 -7.72 10.79
C HIS A 265 11.18 -6.43 11.42
N THR A 266 11.58 -6.53 12.67
CA THR A 266 12.20 -5.38 13.35
C THR A 266 13.38 -5.85 14.19
N LYS A 267 14.25 -4.92 14.57
CA LYS A 267 15.26 -5.08 15.66
C LYS A 267 14.66 -4.43 16.90
N PRO A 268 14.92 -4.94 18.14
CA PRO A 268 14.72 -4.13 19.35
C PRO A 268 15.14 -2.64 19.23
N MET A 269 14.26 -1.72 19.67
CA MET A 269 14.49 -0.25 19.67
C MET A 269 14.19 0.30 21.07
N PRO A 270 14.46 1.61 21.36
CA PRO A 270 14.05 2.23 22.62
C PRO A 270 12.60 1.92 23.07
N ALA A 271 12.26 2.28 24.32
CA ALA A 271 10.91 2.16 24.91
C ALA A 271 9.93 2.94 24.02
N GLY A 272 9.02 2.23 23.33
CA GLY A 272 8.09 2.81 22.34
C GLY A 272 8.75 3.88 21.47
N TYR A 273 9.93 3.60 20.87
CA TYR A 273 10.43 4.32 19.66
C TYR A 273 9.34 4.22 18.56
N GLU A 274 9.17 5.25 17.73
CA GLU A 274 8.01 5.33 16.78
C GLU A 274 8.38 4.80 15.37
N ARG A 275 8.01 3.55 15.07
CA ARG A 275 8.13 3.02 13.69
C ARG A 275 6.89 3.44 12.89
N LEU A 276 7.11 3.99 11.70
CA LEU A 276 6.05 4.52 10.83
C LEU A 276 6.24 3.93 9.44
N SER A 277 5.14 3.63 8.78
CA SER A 277 5.15 3.11 7.39
C SER A 277 3.84 3.54 6.70
N SER A 278 3.83 3.70 5.39
CA SER A 278 2.58 4.06 4.67
C SER A 278 2.59 3.28 3.37
N VAL A 279 1.42 2.85 2.93
CA VAL A 279 1.28 2.02 1.70
C VAL A 279 -0.05 2.39 1.08
N LEU A 280 -0.06 2.48 -0.24
CA LEU A 280 -1.29 2.68 -1.01
C LEU A 280 -1.77 1.33 -1.50
N PHE A 281 -2.97 0.98 -1.16
CA PHE A 281 -3.67 -0.23 -1.63
C PHE A 281 -4.67 0.17 -2.71
N ALA A 282 -4.38 -0.19 -3.95
CA ALA A 282 -5.19 0.28 -5.09
C ALA A 282 -6.18 -0.83 -5.40
N TYR A 283 -7.45 -0.44 -5.48
CA TYR A 283 -8.57 -1.34 -5.82
C TYR A 283 -9.25 -0.82 -7.07
N PRO A 284 -9.83 -1.71 -7.89
CA PRO A 284 -10.79 -1.34 -8.94
C PRO A 284 -12.15 -1.10 -8.24
N GLN A 285 -13.15 -0.63 -9.00
CA GLN A 285 -14.50 -0.37 -8.44
C GLN A 285 -15.12 -1.66 -7.91
N HIS A 286 -15.60 -1.68 -6.67
CA HIS A 286 -16.15 -2.89 -6.01
C HIS A 286 -17.28 -3.48 -6.85
N LYS A 287 -18.09 -2.63 -7.47
CA LYS A 287 -19.31 -3.03 -8.24
C LYS A 287 -18.95 -3.56 -9.62
N ALA A 288 -17.74 -3.32 -10.12
CA ALA A 288 -17.37 -3.73 -11.50
C ALA A 288 -17.12 -5.25 -11.54
N ARG A 289 -17.46 -5.84 -12.67
CA ARG A 289 -17.33 -7.30 -12.88
C ARG A 289 -15.85 -7.67 -12.93
N GLN A 290 -15.53 -8.81 -12.37
CA GLN A 290 -14.18 -9.40 -12.52
C GLN A 290 -13.94 -9.71 -13.99
N TRP A 291 -12.67 -9.84 -14.35
CA TRP A 291 -12.22 -10.41 -15.62
C TRP A 291 -10.90 -11.13 -15.37
N LYS A 292 -10.54 -12.06 -16.26
CA LYS A 292 -9.24 -12.78 -16.25
C LYS A 292 -8.76 -12.91 -17.69
N MET A 293 -7.48 -12.73 -17.93
CA MET A 293 -6.90 -13.12 -19.25
C MET A 293 -6.54 -14.59 -19.20
N VAL A 294 -7.34 -15.41 -19.88
CA VAL A 294 -7.23 -16.89 -19.89
C VAL A 294 -7.05 -17.32 -21.34
N ASP A 295 -6.00 -18.13 -21.58
CA ASP A 295 -5.69 -18.71 -22.91
C ASP A 295 -5.59 -17.57 -23.91
N GLY A 296 -4.94 -16.47 -23.55
CA GLY A 296 -4.59 -15.38 -24.47
C GLY A 296 -5.62 -14.27 -24.67
N GLU A 297 -6.80 -14.29 -24.05
CA GLU A 297 -7.84 -13.25 -24.30
C GLU A 297 -8.75 -13.13 -23.07
N LEU A 298 -9.54 -12.06 -23.08
CA LEU A 298 -10.33 -11.65 -21.91
C LEU A 298 -11.48 -12.63 -21.69
N MET A 299 -11.62 -13.07 -20.45
CA MET A 299 -12.83 -13.81 -19.94
C MET A 299 -13.52 -12.89 -18.94
N SER A 300 -14.79 -12.53 -19.17
CA SER A 300 -15.59 -11.74 -18.21
C SER A 300 -16.22 -12.69 -17.20
N LEU A 301 -16.18 -12.33 -15.92
CA LEU A 301 -16.83 -13.11 -14.86
C LEU A 301 -18.10 -12.40 -14.41
N ASN A 302 -18.99 -13.19 -13.80
CA ASN A 302 -20.25 -12.66 -13.23
C ASN A 302 -19.90 -12.02 -11.90
N ALA A 303 -19.01 -12.62 -11.13
CA ALA A 303 -18.61 -12.13 -9.80
C ALA A 303 -17.94 -10.74 -9.93
N THR A 304 -18.19 -9.82 -8.99
CA THR A 304 -17.62 -8.46 -8.95
C THR A 304 -16.30 -8.48 -8.19
N TRP A 305 -15.49 -7.44 -8.37
CA TRP A 305 -14.30 -7.28 -7.48
C TRP A 305 -14.75 -7.28 -6.02
N GLY A 306 -15.86 -6.63 -5.69
CA GLY A 306 -16.40 -6.73 -4.33
C GLY A 306 -16.61 -8.16 -3.86
N ASP A 307 -17.05 -9.06 -4.75
CA ASP A 307 -17.24 -10.50 -4.45
C ASP A 307 -15.88 -11.17 -4.17
N PHE A 308 -14.85 -10.76 -4.92
CA PHE A 308 -13.47 -11.28 -4.78
C PHE A 308 -13.02 -11.05 -3.32
N ILE A 309 -13.24 -9.86 -2.81
CA ILE A 309 -12.88 -9.48 -1.43
C ILE A 309 -13.67 -10.33 -0.44
N ASP A 310 -14.99 -10.39 -0.58
CA ASP A 310 -15.86 -11.16 0.36
C ASP A 310 -15.46 -12.64 0.35
N SER A 311 -15.18 -13.19 -0.82
CA SER A 311 -14.72 -14.59 -1.02
C SER A 311 -13.68 -14.92 0.05
N ARG A 312 -12.96 -13.90 0.55
CA ARG A 312 -11.88 -14.00 1.57
C ARG A 312 -12.21 -13.09 2.77
P PO4 B . 1.51 -4.24 7.44
O1 PO4 B . 1.39 -5.69 6.96
O2 PO4 B . 2.90 -3.70 7.08
O3 PO4 B . 1.37 -4.20 8.95
O4 PO4 B . 0.41 -3.34 6.70
FE FE C . 1.71 -5.78 3.30
C1 PGE D . -5.17 -18.54 10.98
O1 PGE D . -4.33 -19.13 11.95
C2 PGE D . -6.56 -18.25 11.50
O2 PGE D . -7.43 -17.77 10.47
C3 PGE D . -8.79 -17.86 10.87
C4 PGE D . -9.79 -17.32 9.90
O4 PGE D . -11.18 -14.55 10.59
C6 PGE D . -12.37 -15.27 10.30
C5 PGE D . -12.11 -16.68 9.93
O3 PGE D . -11.01 -17.23 10.66
CL CL E . 0.02 -6.12 1.88
S SO4 F . -25.35 6.50 2.41
O1 SO4 F . -25.81 5.94 3.66
O2 SO4 F . -26.43 7.31 1.81
O3 SO4 F . -24.99 5.43 1.48
O4 SO4 F . -24.15 7.32 2.71
S SO4 G . -4.91 2.18 -24.53
O1 SO4 G . -5.25 2.16 -23.12
O2 SO4 G . -5.45 1.02 -25.14
O3 SO4 G . -5.46 3.36 -25.14
O4 SO4 G . -3.47 2.18 -24.68
S SO4 H . -13.45 6.41 -9.12
O1 SO4 H . -13.33 6.99 -7.78
O2 SO4 H . -14.00 5.06 -8.98
O3 SO4 H . -14.35 7.21 -9.90
O4 SO4 H . -12.14 6.38 -9.80
S SO4 I . 13.48 19.25 -15.51
O1 SO4 I . 12.67 18.72 -16.58
O2 SO4 I . 13.71 18.19 -14.50
O3 SO4 I . 12.86 20.40 -14.89
O4 SO4 I . 14.74 19.68 -16.04
S SO4 J . -21.86 4.58 -8.20
O1 SO4 J . -22.28 3.41 -7.46
O2 SO4 J . -22.92 5.05 -9.06
O3 SO4 J . -20.70 4.27 -8.99
O4 SO4 J . -21.50 5.64 -7.27
C1 PEG K . 19.32 -8.39 -11.51
O1 PEG K . 19.00 -8.58 -10.11
C2 PEG K . 18.18 -8.73 -12.45
O2 PEG K . 17.03 -7.95 -12.14
C3 PEG K . 16.44 -7.24 -13.22
C4 PEG K . 15.86 -5.97 -12.70
O4 PEG K . 16.56 -4.82 -13.17
C1 PEG L . 6.83 -17.69 -2.24
O1 PEG L . 5.49 -17.54 -1.95
C2 PEG L . 7.08 -17.70 -3.68
O2 PEG L . 8.31 -18.35 -3.92
C3 PEG L . 8.15 -19.69 -4.36
C4 PEG L . 9.42 -20.45 -4.16
O4 PEG L . 9.19 -21.83 -3.85
C1 PEG M . 20.27 -8.94 -3.98
O1 PEG M . 20.42 -9.05 -2.57
C2 PEG M . 18.97 -9.53 -4.45
O2 PEG M . 19.16 -10.22 -5.68
C3 PEG M . 19.13 -9.38 -6.83
C4 PEG M . 18.82 -10.19 -8.05
O4 PEG M . 17.83 -11.16 -7.81
#